data_9OD7
#
_entry.id   9OD7
#
_cell.length_a   70.916
_cell.length_b   70.916
_cell.length_c   89.904
_cell.angle_alpha   90.000
_cell.angle_beta   90.000
_cell.angle_gamma   120.000
#
_symmetry.space_group_name_H-M   'P 61'
#
loop_
_entity.id
_entity.type
_entity.pdbx_description
1 polymer Interleukin-18
2 water water
#
_entity_poly.entity_id   1
_entity_poly.type   'polypeptide(L)'
_entity_poly.pdbx_seq_one_letter_code
;YFGKLESKCSVIRNLNDQVLFIDQGNRPLFEDMTDSDSRDNAPRTIFIISMYKDSQPRGMAVTISVKSEKISTLSSENKI
ISFKEMNPPDNIKDTKSDIIFFQRSVPGHDNKMQFESSSYEGYFLASEKERDLFKLILKKEDELGDRSIMFTVQNCDGGG
ENLYFQ
;
_entity_poly.pdbx_strand_id   A
#
# COMPACT_ATOMS: atom_id res chain seq x y z
N TYR A 1 8.33 -17.93 -6.36
CA TYR A 1 6.98 -18.18 -5.85
C TYR A 1 6.82 -17.62 -4.44
N PHE A 2 5.57 -17.31 -4.06
CA PHE A 2 5.27 -16.66 -2.79
C PHE A 2 4.32 -17.52 -1.96
N GLY A 3 4.52 -17.51 -0.64
CA GLY A 3 3.58 -18.17 0.27
C GLY A 3 3.26 -17.28 1.45
N LYS A 4 1.97 -17.11 1.77
CA LYS A 4 1.57 -16.17 2.80
C LYS A 4 2.00 -16.65 4.18
N LEU A 5 2.45 -15.71 5.01
CA LEU A 5 2.96 -16.00 6.35
C LEU A 5 2.12 -15.42 7.47
N GLU A 6 1.67 -14.18 7.36
CA GLU A 6 0.95 -13.53 8.45
C GLU A 6 0.31 -12.27 7.89
N SER A 7 -0.77 -11.83 8.52
CA SER A 7 -1.48 -10.62 8.14
C SER A 7 -1.51 -9.71 9.35
N LYS A 8 -1.42 -8.41 9.12
CA LYS A 8 -1.38 -7.43 10.20
C LYS A 8 -2.30 -6.27 9.87
N CYS A 9 -3.13 -5.88 10.84
CA CYS A 9 -3.93 -4.67 10.73
C CYS A 9 -3.00 -3.46 10.69
N SER A 10 -3.20 -2.56 9.72
CA SER A 10 -2.24 -1.49 9.51
C SER A 10 -2.91 -0.18 9.14
N VAL A 11 -2.32 0.90 9.61
CA VAL A 11 -2.67 2.27 9.22
C VAL A 11 -1.47 2.86 8.49
N ILE A 12 -1.72 3.39 7.30
CA ILE A 12 -0.65 3.87 6.41
C ILE A 12 -0.75 5.38 6.33
N ARG A 13 0.38 6.06 6.55
CA ARG A 13 0.46 7.52 6.50
C ARG A 13 1.53 7.95 5.50
N ASN A 14 1.28 9.08 4.83
CA ASN A 14 2.23 9.59 3.85
C ASN A 14 3.23 10.55 4.52
N LEU A 15 4.01 11.22 3.68
CA LEU A 15 5.07 12.14 4.12
C LEU A 15 4.55 13.27 4.99
N ASN A 16 3.27 13.60 4.91
CA ASN A 16 2.68 14.70 5.66
C ASN A 16 1.81 14.22 6.83
N ASP A 17 1.96 12.96 7.22
CA ASP A 17 1.15 12.35 8.29
C ASP A 17 -0.34 12.37 7.97
N GLN A 18 -0.66 12.36 6.68
CA GLN A 18 -2.03 12.16 6.24
C GLN A 18 -2.31 10.67 6.15
N VAL A 19 -3.53 10.26 6.48
CA VAL A 19 -3.89 8.85 6.64
C VAL A 19 -4.54 8.34 5.37
N LEU A 20 -4.06 7.21 4.88
CA LEU A 20 -4.65 6.58 3.71
C LEU A 20 -6.03 6.03 4.05
N PHE A 21 -7.00 6.27 3.16
CA PHE A 21 -8.34 5.71 3.32
C PHE A 21 -8.93 5.45 1.94
N ILE A 22 -9.99 4.63 1.90
CA ILE A 22 -10.76 4.38 0.67
C ILE A 22 -12.04 5.20 0.72
N ASP A 23 -12.29 6.02 -0.30
CA ASP A 23 -13.46 6.90 -0.28
C ASP A 23 -14.68 6.12 -0.80
N GLN A 24 -15.80 6.84 -0.95
CA GLN A 24 -17.03 6.22 -1.44
C GLN A 24 -16.79 5.54 -2.78
N GLY A 25 -16.13 6.24 -3.71
CA GLY A 25 -15.91 5.71 -5.04
C GLY A 25 -14.81 4.68 -5.15
N ASN A 26 -14.42 4.09 -4.02
CA ASN A 26 -13.32 3.10 -3.95
C ASN A 26 -11.99 3.69 -4.40
N ARG A 27 -11.81 5.00 -4.25
CA ARG A 27 -10.56 5.71 -4.55
C ARG A 27 -9.67 5.74 -3.31
N PRO A 28 -8.40 5.35 -3.40
CA PRO A 28 -7.47 5.53 -2.26
C PRO A 28 -6.97 6.97 -2.18
N LEU A 29 -7.28 7.63 -1.07
CA LEU A 29 -6.96 9.03 -0.83
C LEU A 29 -6.30 9.15 0.54
N PHE A 30 -5.74 10.33 0.80
CA PHE A 30 -5.13 10.67 2.09
C PHE A 30 -5.90 11.82 2.71
N GLU A 31 -6.18 11.70 4.02
CA GLU A 31 -6.94 12.71 4.76
C GLU A 31 -6.07 13.39 5.80
N ASP A 32 -6.27 14.70 5.99
CA ASP A 32 -5.79 15.36 7.18
C ASP A 32 -6.71 15.01 8.33
N MET A 33 -6.15 14.82 9.52
CA MET A 33 -7.03 14.29 10.55
C MET A 33 -8.00 15.32 11.11
N THR A 34 -7.78 16.61 10.89
CA THR A 34 -8.84 17.57 11.17
C THR A 34 -9.91 17.66 10.08
N ASP A 35 -9.82 16.89 8.99
CA ASP A 35 -10.87 16.98 7.97
C ASP A 35 -12.22 16.63 8.55
N SER A 36 -13.25 17.33 8.08
CA SER A 36 -14.58 17.11 8.63
C SER A 36 -15.05 15.69 8.35
N ASP A 37 -14.56 15.08 7.27
CA ASP A 37 -14.93 13.72 6.89
C ASP A 37 -14.20 12.62 7.65
N SER A 38 -13.29 12.98 8.57
CA SER A 38 -12.50 11.97 9.25
C SER A 38 -13.38 11.02 10.06
N ARG A 39 -14.50 11.51 10.61
CA ARG A 39 -15.44 10.63 11.30
C ARG A 39 -15.97 9.55 10.37
N ASP A 40 -16.52 9.94 9.22
CA ASP A 40 -17.09 8.97 8.30
C ASP A 40 -16.02 8.11 7.64
N ASN A 41 -14.83 8.66 7.41
CA ASN A 41 -13.76 7.92 6.74
C ASN A 41 -13.17 6.81 7.62
N ALA A 42 -13.42 6.83 8.93
CA ALA A 42 -12.61 6.05 9.86
C ALA A 42 -12.61 4.54 9.60
N PRO A 43 -13.74 3.88 9.32
CA PRO A 43 -13.65 2.44 9.02
C PRO A 43 -12.84 2.13 7.78
N ARG A 44 -12.74 3.06 6.84
CA ARG A 44 -12.03 2.82 5.60
C ARG A 44 -10.54 3.16 5.69
N THR A 45 -10.02 3.43 6.89
CA THR A 45 -8.61 3.68 7.09
C THR A 45 -7.83 2.42 7.46
N ILE A 46 -8.50 1.29 7.60
CA ILE A 46 -7.86 0.08 8.10
C ILE A 46 -7.44 -0.78 6.92
N PHE A 47 -6.15 -1.09 6.83
CA PHE A 47 -5.63 -1.95 5.78
C PHE A 47 -5.06 -3.21 6.39
N ILE A 48 -5.07 -4.28 5.61
CA ILE A 48 -4.46 -5.55 6.00
C ILE A 48 -3.21 -5.71 5.16
N ILE A 49 -2.05 -5.76 5.80
CA ILE A 49 -0.79 -6.04 5.12
C ILE A 49 -0.40 -7.49 5.41
N SER A 50 -0.33 -8.29 4.35
CA SER A 50 0.03 -9.69 4.46
C SER A 50 1.45 -9.89 3.97
N MET A 51 2.29 -10.51 4.79
CA MET A 51 3.68 -10.78 4.44
C MET A 51 3.80 -12.17 3.82
N TYR A 52 4.66 -12.27 2.81
CA TYR A 52 4.87 -13.50 2.04
C TYR A 52 6.33 -13.93 2.10
N LYS A 53 6.55 -15.23 2.30
CA LYS A 53 7.86 -15.79 2.04
C LYS A 53 8.09 -15.80 0.53
N ASP A 54 9.29 -15.40 0.12
CA ASP A 54 9.60 -15.26 -1.30
C ASP A 54 10.77 -16.17 -1.65
N SER A 55 10.59 -17.05 -2.63
CA SER A 55 11.68 -17.93 -3.04
C SER A 55 12.80 -17.20 -3.77
N GLN A 56 12.59 -15.93 -4.12
CA GLN A 56 13.58 -15.09 -4.79
C GLN A 56 13.63 -13.79 -4.00
N PRO A 57 14.33 -13.78 -2.87
CA PRO A 57 14.26 -12.64 -1.94
C PRO A 57 14.75 -11.34 -2.57
N ARG A 58 13.85 -10.35 -2.62
CA ARG A 58 14.16 -9.04 -3.18
C ARG A 58 13.81 -7.89 -2.25
N GLY A 59 13.14 -8.16 -1.15
CA GLY A 59 12.56 -7.17 -0.27
C GLY A 59 11.43 -7.88 0.45
N MET A 60 10.77 -7.15 1.35
CA MET A 60 9.70 -7.83 2.09
C MET A 60 8.45 -7.88 1.21
N ALA A 61 8.11 -9.07 0.72
CA ALA A 61 6.97 -9.24 -0.17
C ALA A 61 5.66 -9.09 0.59
N VAL A 62 4.78 -8.20 0.13
CA VAL A 62 3.52 -7.96 0.83
C VAL A 62 2.39 -7.77 -0.17
N THR A 63 1.18 -8.05 0.29
CA THR A 63 -0.05 -7.55 -0.32
C THR A 63 -0.69 -6.57 0.65
N ILE A 64 -1.46 -5.63 0.10
CA ILE A 64 -2.23 -4.65 0.86
C ILE A 64 -3.69 -4.85 0.49
N SER A 65 -4.54 -5.14 1.47
CA SER A 65 -5.94 -5.38 1.19
C SER A 65 -6.83 -4.59 2.14
N VAL A 66 -8.11 -4.45 1.76
CA VAL A 66 -9.12 -3.74 2.55
C VAL A 66 -10.27 -4.69 2.82
N LYS A 67 -10.92 -4.52 3.96
CA LYS A 67 -12.08 -5.35 4.33
C LYS A 67 -13.31 -4.45 4.42
N SER A 68 -14.04 -4.35 3.31
CA SER A 68 -15.37 -3.75 3.29
C SER A 68 -16.38 -4.85 3.56
N GLU A 69 -17.43 -4.94 2.74
CA GLU A 69 -18.29 -6.13 2.78
C GLU A 69 -17.46 -7.38 2.48
N LYS A 70 -16.62 -7.29 1.45
CA LYS A 70 -15.72 -8.33 1.05
C LYS A 70 -14.31 -7.76 1.06
N ILE A 71 -13.32 -8.64 0.89
CA ILE A 71 -11.92 -8.22 0.88
C ILE A 71 -11.50 -7.95 -0.57
N SER A 72 -10.79 -6.83 -0.78
CA SER A 72 -10.20 -6.51 -2.07
C SER A 72 -8.73 -6.20 -1.85
N THR A 73 -7.91 -6.42 -2.87
CA THR A 73 -6.46 -6.36 -2.74
C THR A 73 -5.90 -5.34 -3.73
N LEU A 74 -4.99 -4.49 -3.25
CA LEU A 74 -4.37 -3.46 -4.08
C LEU A 74 -3.57 -4.08 -5.22
N SER A 75 -3.66 -3.45 -6.41
CA SER A 75 -3.02 -4.02 -7.60
C SER A 75 -2.34 -2.91 -8.40
N SER A 76 -1.20 -3.27 -9.00
CA SER A 76 -0.46 -2.37 -9.89
C SER A 76 -0.61 -2.75 -11.35
N GLU A 77 -1.62 -3.55 -11.66
CA GLU A 77 -1.80 -4.01 -13.04
C GLU A 77 -1.95 -2.82 -13.98
N ASN A 78 -1.34 -2.91 -15.16
CA ASN A 78 -1.38 -1.85 -16.17
C ASN A 78 -0.78 -0.55 -15.66
N LYS A 79 0.15 -0.66 -14.70
CA LYS A 79 0.89 0.49 -14.15
C LYS A 79 -0.03 1.57 -13.58
N ILE A 80 -1.20 1.19 -13.05
CA ILE A 80 -2.03 2.12 -12.30
C ILE A 80 -2.47 1.44 -11.01
N ILE A 81 -3.09 2.22 -10.13
CA ILE A 81 -3.63 1.70 -8.87
C ILE A 81 -5.07 1.23 -9.09
N SER A 82 -5.36 0.01 -8.66
CA SER A 82 -6.74 -0.49 -8.67
C SER A 82 -6.87 -1.50 -7.54
N PHE A 83 -8.11 -1.96 -7.31
CA PHE A 83 -8.35 -3.00 -6.33
C PHE A 83 -8.88 -4.23 -7.06
N LYS A 84 -8.17 -5.34 -6.90
CA LYS A 84 -8.64 -6.62 -7.42
C LYS A 84 -9.65 -7.23 -6.45
N GLU A 85 -10.72 -7.82 -6.98
CA GLU A 85 -11.77 -8.39 -6.13
C GLU A 85 -11.35 -9.78 -5.68
N MET A 86 -10.55 -9.83 -4.62
CA MET A 86 -9.81 -11.03 -4.28
C MET A 86 -9.19 -10.91 -2.89
N ASN A 87 -9.28 -11.96 -2.05
CA ASN A 87 -8.51 -11.98 -0.81
C ASN A 87 -7.05 -12.24 -1.13
N PRO A 88 -6.13 -11.82 -0.26
CA PRO A 88 -4.73 -12.19 -0.44
C PRO A 88 -4.59 -13.70 -0.50
N PRO A 89 -3.88 -14.23 -1.48
CA PRO A 89 -3.85 -15.69 -1.67
C PRO A 89 -2.85 -16.38 -0.75
N ASP A 90 -3.10 -17.68 -0.55
CA ASP A 90 -2.19 -18.47 0.25
C ASP A 90 -0.87 -18.66 -0.47
N ASN A 91 -0.92 -18.83 -1.79
CA ASN A 91 0.25 -19.13 -2.60
C ASN A 91 0.14 -18.42 -3.94
N ILE A 92 1.29 -18.00 -4.45
CA ILE A 92 1.41 -17.39 -5.77
C ILE A 92 2.56 -18.09 -6.50
N LYS A 93 2.26 -18.69 -7.67
CA LYS A 93 3.26 -19.54 -8.31
C LYS A 93 4.37 -18.74 -8.99
N ASP A 94 4.06 -17.55 -9.48
CA ASP A 94 5.00 -16.75 -10.26
C ASP A 94 6.00 -16.04 -9.34
N THR A 95 7.03 -15.45 -9.95
CA THR A 95 7.97 -14.62 -9.22
C THR A 95 7.62 -13.16 -9.23
N LYS A 96 6.63 -12.76 -10.02
CA LYS A 96 6.15 -11.39 -10.07
C LYS A 96 4.64 -11.45 -10.00
N SER A 97 4.04 -10.44 -9.38
CA SER A 97 2.58 -10.46 -9.26
C SER A 97 2.09 -9.02 -9.16
N ASP A 98 0.96 -8.75 -9.85
CA ASP A 98 0.36 -7.42 -9.77
C ASP A 98 -0.11 -7.06 -8.36
N ILE A 99 -0.24 -8.02 -7.44
CA ILE A 99 -0.66 -7.68 -6.08
C ILE A 99 0.47 -7.77 -5.08
N ILE A 100 1.68 -8.10 -5.50
CA ILE A 100 2.80 -8.19 -4.57
C ILE A 100 3.65 -6.95 -4.75
N PHE A 101 3.92 -6.26 -3.64
CA PHE A 101 4.84 -5.14 -3.57
C PHE A 101 6.00 -5.55 -2.68
N PHE A 102 7.17 -4.98 -2.96
CA PHE A 102 8.32 -5.17 -2.09
C PHE A 102 8.42 -3.96 -1.16
N GLN A 103 8.21 -4.21 0.13
CA GLN A 103 8.31 -3.18 1.16
C GLN A 103 9.74 -3.16 1.66
N ARG A 104 10.36 -1.98 1.63
CA ARG A 104 11.72 -1.84 2.09
C ARG A 104 11.83 -0.53 2.86
N SER A 105 12.71 -0.52 3.85
CA SER A 105 12.88 0.72 4.60
C SER A 105 13.85 1.66 3.88
N VAL A 106 13.78 2.93 4.25
CA VAL A 106 14.60 3.99 3.68
C VAL A 106 15.96 4.02 4.37
N PRO A 107 17.06 4.16 3.63
CA PRO A 107 18.38 4.21 4.26
C PRO A 107 18.44 5.30 5.33
N GLY A 108 18.87 4.92 6.53
CA GLY A 108 18.95 5.84 7.64
C GLY A 108 17.65 6.08 8.39
N HIS A 109 16.51 5.66 7.83
CA HIS A 109 15.20 5.87 8.44
C HIS A 109 14.45 4.54 8.40
N ASP A 110 14.67 3.72 9.43
CA ASP A 110 14.12 2.37 9.44
C ASP A 110 12.60 2.37 9.45
N ASN A 111 11.98 3.45 9.96
CA ASN A 111 10.52 3.54 10.08
C ASN A 111 9.83 4.03 8.81
N LYS A 112 10.58 4.61 7.86
CA LYS A 112 10.00 5.05 6.60
C LYS A 112 10.13 3.93 5.58
N MET A 113 9.02 3.67 4.86
CA MET A 113 8.92 2.48 4.05
C MET A 113 8.55 2.87 2.63
N GLN A 114 9.03 2.10 1.66
CA GLN A 114 8.70 2.28 0.25
C GLN A 114 8.19 0.97 -0.30
N PHE A 115 7.18 1.04 -1.17
CA PHE A 115 6.53 -0.16 -1.72
C PHE A 115 6.72 -0.17 -3.23
N GLU A 116 7.52 -1.10 -3.74
CA GLU A 116 7.81 -1.20 -5.17
C GLU A 116 6.96 -2.30 -5.77
N SER A 117 6.32 -2.01 -6.90
CA SER A 117 5.59 -3.05 -7.63
C SER A 117 6.51 -4.20 -8.00
N SER A 118 6.08 -5.44 -7.74
CA SER A 118 6.90 -6.57 -8.18
C SER A 118 6.72 -6.85 -9.67
N SER A 119 5.60 -6.42 -10.25
CA SER A 119 5.37 -6.55 -11.68
C SER A 119 6.16 -5.53 -12.48
N TYR A 120 6.21 -4.29 -12.00
CA TYR A 120 6.83 -3.19 -12.73
C TYR A 120 7.95 -2.60 -11.88
N GLU A 121 9.15 -3.13 -12.07
CA GLU A 121 10.34 -2.57 -11.45
C GLU A 121 10.43 -1.07 -11.67
N GLY A 122 10.79 -0.33 -10.62
CA GLY A 122 10.91 1.11 -10.69
C GLY A 122 9.62 1.89 -10.51
N TYR A 123 8.49 1.21 -10.30
CA TYR A 123 7.22 1.86 -10.02
C TYR A 123 6.88 1.65 -8.56
N PHE A 124 6.46 2.72 -7.90
CA PHE A 124 6.28 2.72 -6.44
C PHE A 124 4.92 3.30 -6.08
N LEU A 125 4.41 2.89 -4.93
CA LEU A 125 3.27 3.59 -4.37
C LEU A 125 3.71 5.01 -4.00
N ALA A 126 2.84 5.98 -4.27
CA ALA A 126 3.20 7.37 -4.01
C ALA A 126 1.96 8.18 -3.61
N SER A 127 2.20 9.26 -2.89
CA SER A 127 1.17 10.26 -2.58
C SER A 127 1.35 11.43 -3.54
N GLU A 128 0.27 11.84 -4.19
CA GLU A 128 0.31 12.97 -5.11
C GLU A 128 -0.87 13.90 -4.87
N LYS A 129 -0.60 15.20 -4.80
CA LYS A 129 -1.67 16.19 -4.71
C LYS A 129 -2.24 16.44 -6.10
N GLU A 130 -3.55 16.40 -6.22
CA GLU A 130 -4.25 16.60 -7.49
C GLU A 130 -5.47 17.47 -7.22
N ARG A 131 -5.41 18.73 -7.63
CA ARG A 131 -6.35 19.75 -7.18
C ARG A 131 -6.42 19.77 -5.65
N ASP A 132 -7.59 19.55 -5.08
CA ASP A 132 -7.73 19.61 -3.62
C ASP A 132 -7.47 18.27 -2.93
N LEU A 133 -7.33 17.20 -3.69
CA LEU A 133 -7.22 15.84 -3.15
C LEU A 133 -5.76 15.40 -3.08
N PHE A 134 -5.50 14.43 -2.20
CA PHE A 134 -4.22 13.76 -2.11
C PHE A 134 -4.45 12.30 -2.44
N LYS A 135 -3.86 11.83 -3.52
CA LYS A 135 -4.21 10.55 -4.10
C LYS A 135 -3.08 9.56 -3.93
N LEU A 136 -3.42 8.30 -3.68
CA LEU A 136 -2.47 7.22 -3.80
C LEU A 136 -2.34 6.88 -5.27
N ILE A 137 -1.13 6.93 -5.83
CA ILE A 137 -0.90 6.62 -7.23
C ILE A 137 0.23 5.62 -7.33
N LEU A 138 0.39 5.05 -8.53
CA LEU A 138 1.58 4.26 -8.86
C LEU A 138 2.47 5.15 -9.71
N LYS A 139 3.68 5.41 -9.24
CA LYS A 139 4.53 6.42 -9.85
C LYS A 139 5.83 5.77 -10.28
N LYS A 140 6.20 5.99 -11.54
CA LYS A 140 7.55 5.64 -11.96
C LYS A 140 8.52 6.59 -11.27
N GLU A 141 9.42 6.04 -10.46
CA GLU A 141 10.26 6.85 -9.58
C GLU A 141 11.72 6.51 -9.81
N ASP A 142 12.47 7.49 -10.30
CA ASP A 142 13.91 7.35 -10.49
C ASP A 142 14.71 7.79 -9.27
N GLU A 143 14.10 8.56 -8.37
CA GLU A 143 14.77 9.18 -7.22
C GLU A 143 14.23 8.56 -5.93
N LEU A 144 15.00 7.65 -5.32
CA LEU A 144 14.53 6.97 -4.13
C LEU A 144 14.50 7.88 -2.90
N GLY A 145 15.11 9.06 -2.98
CA GLY A 145 15.01 10.04 -1.92
C GLY A 145 13.75 10.87 -1.95
N ASP A 146 12.87 10.63 -2.94
CA ASP A 146 11.62 11.34 -3.07
C ASP A 146 10.72 11.00 -1.90
N ARG A 147 10.47 11.96 -1.01
CA ARG A 147 9.68 11.64 0.18
C ARG A 147 8.23 11.31 -0.16
N SER A 148 7.74 11.64 -1.36
CA SER A 148 6.36 11.33 -1.71
C SER A 148 6.12 9.83 -1.88
N ILE A 149 7.17 9.02 -2.00
CA ILE A 149 7.01 7.56 -2.06
C ILE A 149 7.35 6.89 -0.73
N MET A 150 7.44 7.66 0.34
CA MET A 150 7.81 7.19 1.66
C MET A 150 6.58 7.20 2.55
N PHE A 151 6.39 6.13 3.32
CA PHE A 151 5.20 5.98 4.13
C PHE A 151 5.61 5.45 5.50
N THR A 152 4.79 5.73 6.50
CA THR A 152 4.94 4.96 7.73
C THR A 152 3.77 4.00 7.87
N VAL A 153 3.99 2.92 8.60
CA VAL A 153 3.00 1.87 8.76
C VAL A 153 2.83 1.63 10.26
N GLN A 154 1.62 1.82 10.76
CA GLN A 154 1.36 1.62 12.17
C GLN A 154 0.51 0.37 12.38
N ASN A 155 0.89 -0.46 13.34
CA ASN A 155 0.17 -1.70 13.57
C ASN A 155 -1.05 -1.40 14.44
N CYS A 156 -2.23 -1.94 14.07
CA CYS A 156 -3.41 -1.80 14.92
C CYS A 156 -3.84 -3.09 15.60
N ASP A 157 -3.20 -4.24 15.31
CA ASP A 157 -3.50 -5.46 16.06
C ASP A 157 -3.30 -5.22 17.56
N GLY A 158 -2.32 -4.40 17.92
CA GLY A 158 -2.02 -4.06 19.30
C GLY A 158 -0.85 -3.11 19.42
#